data_2JI5
#
_entry.id   2JI5
#
_cell.length_a   144.943
_cell.length_b   144.943
_cell.length_c   144.943
_cell.angle_alpha   90.00
_cell.angle_beta   90.00
_cell.angle_gamma   90.00
#
_symmetry.space_group_name_H-M   'I 2 3'
#
loop_
_entity.id
_entity.type
_entity.pdbx_description
1 polymer 'URIDYLATE KINASE'
2 non-polymer "URIDINE 5'-TRIPHOSPHATE"
3 water water
#
_entity_poly.entity_id   1
_entity_poly.type   'polypeptide(L)'
_entity_poly.pdbx_seq_one_letter_code
;SHMRIVFDIGGSVLVPENPDIDFIKEIAYQLTKVSEDHEVAVVVGGGKLARKYIEVAEKFNSSETFKDFIGIQITRANAM
LLIAALREKAYPVVVEDFWEAWKAVQLKKIPVMGGTHPGHTTDAVAALLAEFLKADLLVVITNVDGVYTADPKKDPTAKK
IKKMKPEELLEIVGKGIEKAGSSSVIDPLAAKIIARTGIKTIVIGKEDAKDLFRVIKGDHNGTTIEP
;
_entity_poly.pdbx_strand_id   A,B
#
loop_
_chem_comp.id
_chem_comp.type
_chem_comp.name
_chem_comp.formula
UTP non-polymer 'URIDINE 5'-TRIPHOSPHATE' 'C9 H15 N2 O15 P3'
#
# COMPACT_ATOMS: atom_id res chain seq x y z
N SER A 1 0.43 11.06 36.68
CA SER A 1 1.11 10.01 35.86
C SER A 1 0.91 10.25 34.37
N HIS A 2 1.94 10.80 33.73
CA HIS A 2 1.91 11.08 32.29
C HIS A 2 3.15 10.46 31.65
N MET A 3 2.93 9.41 30.87
CA MET A 3 4.02 8.73 30.20
C MET A 3 3.91 8.95 28.70
N ARG A 4 4.97 8.56 27.99
CA ARG A 4 5.01 8.64 26.54
C ARG A 4 5.09 7.19 26.10
N ILE A 5 4.12 6.76 25.29
CA ILE A 5 4.08 5.37 24.89
C ILE A 5 4.07 5.11 23.40
N VAL A 6 4.83 4.11 23.00
CA VAL A 6 4.88 3.70 21.59
C VAL A 6 4.25 2.31 21.50
N PHE A 7 3.26 2.17 20.63
CA PHE A 7 2.57 0.90 20.42
C PHE A 7 2.98 0.33 19.06
N ASP A 8 3.44 -0.90 19.10
CA ASP A 8 3.87 -1.61 17.91
C ASP A 8 2.76 -2.64 17.62
N ILE A 9 1.88 -2.31 16.68
CA ILE A 9 0.77 -3.21 16.36
C ILE A 9 1.12 -4.10 15.16
N GLY A 10 1.30 -5.38 15.45
CA GLY A 10 1.66 -6.35 14.44
C GLY A 10 0.74 -6.40 13.24
N GLY A 11 1.34 -6.53 12.07
CA GLY A 11 0.55 -6.59 10.84
C GLY A 11 -0.41 -7.77 10.82
N SER A 12 0.01 -8.90 11.38
CA SER A 12 -0.86 -10.07 11.37
C SER A 12 -2.08 -9.89 12.25
N VAL A 13 -1.97 -9.04 13.27
CA VAL A 13 -3.10 -8.81 14.15
C VAL A 13 -4.07 -7.83 13.48
N LEU A 14 -3.50 -6.83 12.81
CA LEU A 14 -4.29 -5.81 12.15
C LEU A 14 -4.92 -6.31 10.86
N VAL A 15 -4.20 -7.18 10.14
CA VAL A 15 -4.69 -7.74 8.88
C VAL A 15 -4.32 -9.22 8.79
N PRO A 16 -5.13 -10.10 9.39
CA PRO A 16 -4.92 -11.55 9.39
C PRO A 16 -5.11 -12.20 8.03
N GLU A 17 -6.09 -11.71 7.28
CA GLU A 17 -6.41 -12.21 5.95
C GLU A 17 -6.73 -10.91 5.22
N ASN A 18 -7.84 -10.31 5.63
CA ASN A 18 -8.25 -9.02 5.11
C ASN A 18 -8.17 -8.14 6.36
N PRO A 19 -8.35 -6.83 6.21
CA PRO A 19 -8.25 -6.04 7.44
C PRO A 19 -9.28 -6.52 8.47
N ASP A 20 -8.85 -6.69 9.73
CA ASP A 20 -9.77 -7.12 10.79
C ASP A 20 -10.41 -5.85 11.35
N ILE A 21 -11.54 -5.47 10.76
CA ILE A 21 -12.26 -4.26 11.14
C ILE A 21 -12.62 -4.14 12.62
N ASP A 22 -13.07 -5.23 13.21
CA ASP A 22 -13.44 -5.19 14.62
C ASP A 22 -12.24 -4.87 15.53
N PHE A 23 -11.09 -5.44 15.22
CA PHE A 23 -9.90 -5.18 16.02
C PHE A 23 -9.40 -3.75 15.80
N ILE A 24 -9.47 -3.28 14.56
CA ILE A 24 -9.01 -1.94 14.24
C ILE A 24 -9.84 -0.96 15.05
N LYS A 25 -11.15 -1.14 14.98
CA LYS A 25 -12.10 -0.29 15.69
C LYS A 25 -11.83 -0.30 17.19
N GLU A 26 -11.69 -1.50 17.74
CA GLU A 26 -11.46 -1.68 19.16
C GLU A 26 -10.12 -1.11 19.62
N ILE A 27 -9.04 -1.41 18.90
CA ILE A 27 -7.75 -0.90 19.34
C ILE A 27 -7.73 0.63 19.19
N ALA A 28 -8.41 1.17 18.17
CA ALA A 28 -8.44 2.63 18.01
C ALA A 28 -9.09 3.28 19.25
N TYR A 29 -10.17 2.67 19.74
CA TYR A 29 -10.86 3.17 20.93
C TYR A 29 -9.88 3.15 22.11
N GLN A 30 -9.23 2.01 22.31
CA GLN A 30 -8.27 1.89 23.40
C GLN A 30 -7.18 2.96 23.28
N LEU A 31 -6.56 3.06 22.11
CA LEU A 31 -5.50 4.03 21.88
C LEU A 31 -6.02 5.43 22.18
N THR A 32 -7.24 5.70 21.75
CA THR A 32 -7.86 7.00 21.98
C THR A 32 -7.98 7.26 23.47
N LYS A 33 -8.44 6.27 24.24
CA LYS A 33 -8.56 6.49 25.68
C LYS A 33 -7.19 6.75 26.30
N VAL A 34 -6.22 5.92 25.99
CA VAL A 34 -4.89 6.10 26.55
C VAL A 34 -4.33 7.49 26.22
N SER A 35 -4.63 7.99 25.02
CA SER A 35 -4.13 9.29 24.60
C SER A 35 -4.70 10.45 25.40
N GLU A 36 -5.70 10.19 26.23
CA GLU A 36 -6.30 11.25 27.05
C GLU A 36 -5.34 11.63 28.17
N ASP A 37 -4.60 10.65 28.68
CA ASP A 37 -3.66 10.86 29.77
C ASP A 37 -2.19 10.73 29.37
N HIS A 38 -1.92 10.17 28.20
CA HIS A 38 -0.53 9.99 27.77
C HIS A 38 -0.29 10.37 26.33
N GLU A 39 0.98 10.52 25.99
CA GLU A 39 1.39 10.85 24.64
C GLU A 39 1.57 9.50 23.95
N VAL A 40 0.73 9.26 22.94
CA VAL A 40 0.71 8.02 22.19
C VAL A 40 1.24 8.15 20.76
N ALA A 41 2.06 7.19 20.35
CA ALA A 41 2.62 7.12 18.99
C ALA A 41 2.39 5.68 18.55
N VAL A 42 2.21 5.44 17.25
CA VAL A 42 1.93 4.09 16.79
C VAL A 42 2.67 3.64 15.54
N VAL A 43 3.04 2.37 15.49
CA VAL A 43 3.68 1.77 14.33
C VAL A 43 2.87 0.50 14.01
N VAL A 44 2.52 0.27 12.73
CA VAL A 44 1.77 -0.93 12.35
C VAL A 44 2.49 -1.74 11.27
N GLY A 45 2.27 -3.06 11.26
CA GLY A 45 2.92 -3.93 10.30
C GLY A 45 2.13 -4.23 9.03
N GLY A 46 2.63 -5.17 8.23
CA GLY A 46 1.98 -5.51 6.98
C GLY A 46 0.90 -6.58 6.97
N GLY A 47 1.14 -7.69 7.65
CA GLY A 47 0.15 -8.75 7.67
C GLY A 47 0.05 -9.56 6.39
N LYS A 48 -1.09 -10.22 6.23
CA LYS A 48 -1.35 -11.07 5.07
C LYS A 48 -1.21 -10.36 3.73
N LEU A 49 -1.67 -9.12 3.65
CA LEU A 49 -1.59 -8.40 2.39
C LEU A 49 -0.14 -8.20 1.96
N ALA A 50 0.73 -7.91 2.93
CA ALA A 50 2.13 -7.70 2.65
C ALA A 50 2.82 -8.98 2.17
N ARG A 51 2.42 -10.11 2.74
CA ARG A 51 3.00 -11.39 2.35
C ARG A 51 2.54 -11.78 0.95
N LYS A 52 1.28 -11.51 0.63
CA LYS A 52 0.78 -11.82 -0.70
C LYS A 52 1.61 -11.08 -1.74
N TYR A 53 1.63 -9.75 -1.63
CA TYR A 53 2.35 -8.93 -2.57
C TYR A 53 3.84 -9.22 -2.63
N ILE A 54 4.46 -9.47 -1.48
CA ILE A 54 5.87 -9.78 -1.48
C ILE A 54 6.09 -11.10 -2.24
N GLU A 55 5.21 -12.07 -2.00
CA GLU A 55 5.30 -13.37 -2.66
C GLU A 55 5.14 -13.24 -4.18
N VAL A 56 4.33 -12.29 -4.63
CA VAL A 56 4.16 -12.07 -6.06
C VAL A 56 5.46 -11.55 -6.66
N ALA A 57 6.12 -10.65 -5.93
CA ALA A 57 7.38 -10.08 -6.38
C ALA A 57 8.47 -11.14 -6.40
N GLU A 58 8.33 -12.14 -5.54
CA GLU A 58 9.29 -13.24 -5.48
C GLU A 58 9.20 -14.07 -6.76
N LYS A 59 7.99 -14.27 -7.26
CA LYS A 59 7.78 -15.04 -8.48
C LYS A 59 8.39 -14.37 -9.70
N PHE A 60 8.71 -13.09 -9.59
CA PHE A 60 9.33 -12.36 -10.70
C PHE A 60 10.81 -12.17 -10.41
N ASN A 61 11.29 -12.90 -9.40
CA ASN A 61 12.68 -12.88 -9.02
C ASN A 61 13.24 -11.48 -8.72
N SER A 62 12.46 -10.65 -8.06
CA SER A 62 12.92 -9.31 -7.74
C SER A 62 13.86 -9.40 -6.54
N SER A 63 14.69 -8.39 -6.36
CA SER A 63 15.62 -8.37 -5.25
C SER A 63 14.90 -8.34 -3.91
N GLU A 64 15.59 -8.79 -2.88
CA GLU A 64 15.03 -8.82 -1.55
C GLU A 64 14.77 -7.38 -1.08
N THR A 65 15.52 -6.44 -1.64
CA THR A 65 15.38 -5.03 -1.28
C THR A 65 14.06 -4.49 -1.84
N PHE A 66 13.78 -4.78 -3.10
CA PHE A 66 12.54 -4.30 -3.69
C PHE A 66 11.36 -4.92 -2.96
N LYS A 67 11.53 -6.15 -2.50
CA LYS A 67 10.46 -6.81 -1.78
C LYS A 67 10.20 -6.13 -0.43
N ASP A 68 11.25 -5.62 0.19
CA ASP A 68 11.12 -4.93 1.46
C ASP A 68 10.32 -3.65 1.19
N PHE A 69 10.66 -2.97 0.10
CA PHE A 69 9.97 -1.74 -0.26
C PHE A 69 8.49 -1.97 -0.47
N ILE A 70 8.14 -3.15 -0.99
CA ILE A 70 6.73 -3.46 -1.22
C ILE A 70 6.03 -3.65 0.13
N GLY A 71 6.70 -4.35 1.04
CA GLY A 71 6.12 -4.59 2.35
C GLY A 71 5.91 -3.27 3.06
N ILE A 72 6.90 -2.39 2.96
CA ILE A 72 6.82 -1.08 3.58
C ILE A 72 5.60 -0.36 3.03
N GLN A 73 5.46 -0.36 1.71
CA GLN A 73 4.34 0.27 1.04
C GLN A 73 3.01 -0.27 1.55
N ILE A 74 2.94 -1.58 1.78
CA ILE A 74 1.69 -2.16 2.28
C ILE A 74 1.45 -1.75 3.74
N THR A 75 2.50 -1.66 4.55
CA THR A 75 2.33 -1.26 5.94
C THR A 75 1.78 0.17 6.04
N ARG A 76 2.06 1.00 5.05
CA ARG A 76 1.56 2.38 5.07
C ARG A 76 0.09 2.46 4.71
N ALA A 77 -0.37 1.55 3.86
CA ALA A 77 -1.78 1.50 3.49
C ALA A 77 -2.52 1.03 4.75
N ASN A 78 -1.91 0.11 5.48
CA ASN A 78 -2.48 -0.41 6.72
C ASN A 78 -2.55 0.70 7.75
N ALA A 79 -1.46 1.46 7.86
CA ALA A 79 -1.38 2.56 8.81
C ALA A 79 -2.50 3.58 8.54
N MET A 80 -2.91 3.68 7.28
CA MET A 80 -3.97 4.62 6.90
C MET A 80 -5.31 4.19 7.44
N LEU A 81 -5.48 2.88 7.59
CA LEU A 81 -6.74 2.34 8.11
C LEU A 81 -6.87 2.67 9.59
N LEU A 82 -5.74 2.69 10.31
CA LEU A 82 -5.75 3.00 11.74
C LEU A 82 -5.99 4.50 11.88
N ILE A 83 -5.29 5.29 11.06
CA ILE A 83 -5.47 6.74 11.08
C ILE A 83 -6.95 7.05 10.90
N ALA A 84 -7.61 6.34 9.98
CA ALA A 84 -9.02 6.52 9.74
C ALA A 84 -9.81 6.21 11.00
N ALA A 85 -9.46 5.13 11.68
CA ALA A 85 -10.15 4.73 12.90
C ALA A 85 -9.89 5.71 14.06
N LEU A 86 -8.71 6.33 14.08
CA LEU A 86 -8.39 7.27 15.15
C LEU A 86 -9.10 8.62 14.97
N ARG A 87 -9.74 8.81 13.81
CA ARG A 87 -10.48 10.02 13.51
C ARG A 87 -9.68 11.30 13.73
N GLU A 88 -10.30 12.26 14.40
CA GLU A 88 -9.69 13.56 14.66
C GLU A 88 -8.47 13.53 15.59
N LYS A 89 -8.27 12.42 16.31
CA LYS A 89 -7.14 12.31 17.22
C LYS A 89 -5.83 11.91 16.54
N ALA A 90 -5.90 11.54 15.27
CA ALA A 90 -4.71 11.12 14.58
C ALA A 90 -4.04 12.19 13.74
N TYR A 91 -2.74 12.00 13.51
CA TYR A 91 -1.98 12.89 12.63
C TYR A 91 -2.53 12.37 11.30
N PRO A 92 -2.97 13.27 10.41
CA PRO A 92 -3.54 12.93 9.10
C PRO A 92 -2.75 12.10 8.10
N VAL A 93 -1.43 12.08 8.19
CA VAL A 93 -0.68 11.30 7.21
C VAL A 93 0.25 10.29 7.82
N VAL A 94 0.49 9.21 7.08
CA VAL A 94 1.40 8.18 7.54
C VAL A 94 2.73 8.87 7.79
N VAL A 95 3.28 8.71 8.98
CA VAL A 95 4.55 9.32 9.32
C VAL A 95 5.66 8.43 8.77
N GLU A 96 6.61 9.05 8.08
CA GLU A 96 7.70 8.29 7.47
C GLU A 96 9.07 8.40 8.11
N ASP A 97 9.23 9.33 9.05
CA ASP A 97 10.50 9.47 9.75
C ASP A 97 10.26 9.96 11.18
N PHE A 98 11.18 9.62 12.08
CA PHE A 98 11.05 9.94 13.49
C PHE A 98 10.80 11.37 13.92
N TRP A 99 11.43 12.35 13.28
CA TRP A 99 11.19 13.72 13.73
C TRP A 99 9.77 14.15 13.38
N GLU A 100 9.19 13.57 12.34
CA GLU A 100 7.83 13.91 11.96
C GLU A 100 6.88 13.37 13.03
N ALA A 101 7.24 12.24 13.62
CA ALA A 101 6.41 11.66 14.68
C ALA A 101 6.52 12.59 15.89
N TRP A 102 7.72 13.09 16.14
CA TRP A 102 7.94 14.01 17.25
C TRP A 102 6.97 15.19 17.11
N LYS A 103 6.92 15.78 15.92
CA LYS A 103 6.03 16.92 15.63
C LYS A 103 4.57 16.62 15.95
N ALA A 104 4.08 15.48 15.46
CA ALA A 104 2.71 15.06 15.69
C ALA A 104 2.42 15.09 17.17
N VAL A 105 3.35 14.57 17.97
CA VAL A 105 3.20 14.53 19.42
C VAL A 105 3.18 15.93 20.00
N GLN A 106 3.86 16.86 19.33
CA GLN A 106 3.86 18.25 19.79
C GLN A 106 2.48 18.84 19.57
N LEU A 107 1.83 18.43 18.48
CA LEU A 107 0.51 18.92 18.14
C LEU A 107 -0.60 18.14 18.84
N LYS A 108 -0.24 17.34 19.84
CA LYS A 108 -1.19 16.54 20.60
C LYS A 108 -1.98 15.61 19.70
N LYS A 109 -1.34 15.11 18.66
CA LYS A 109 -1.98 14.21 17.73
C LYS A 109 -1.23 12.90 17.72
N ILE A 110 -1.92 11.82 17.37
CA ILE A 110 -1.30 10.51 17.32
C ILE A 110 -0.68 10.17 15.98
N PRO A 111 0.66 10.02 15.91
CA PRO A 111 1.30 9.68 14.65
C PRO A 111 1.27 8.17 14.50
N VAL A 112 0.99 7.72 13.28
CA VAL A 112 0.94 6.29 12.99
C VAL A 112 1.97 6.05 11.88
N MET A 113 2.92 5.17 12.15
CA MET A 113 3.97 4.85 11.19
C MET A 113 3.77 3.48 10.60
N GLY A 114 4.42 3.28 9.45
CA GLY A 114 4.44 2.01 8.75
C GLY A 114 5.93 1.74 8.73
N GLY A 115 6.42 0.97 7.77
CA GLY A 115 7.85 0.69 7.72
C GLY A 115 8.69 1.89 7.33
N THR A 116 10.01 1.79 7.45
CA THR A 116 10.84 2.93 7.10
C THR A 116 12.00 2.67 6.15
N HIS A 117 12.59 1.48 6.22
CA HIS A 117 13.79 1.22 5.45
C HIS A 117 13.99 -0.28 5.25
N PRO A 118 14.62 -0.68 4.13
CA PRO A 118 14.85 -2.11 3.88
C PRO A 118 15.78 -2.71 4.93
N GLY A 119 15.66 -4.02 5.14
CA GLY A 119 16.53 -4.65 6.11
C GLY A 119 15.92 -4.98 7.45
N HIS A 120 14.92 -4.21 7.88
CA HIS A 120 14.29 -4.53 9.15
C HIS A 120 12.78 -4.57 9.12
N THR A 121 12.17 -4.67 10.28
CA THR A 121 10.72 -4.75 10.36
C THR A 121 10.13 -3.58 11.10
N THR A 122 8.81 -3.55 11.19
CA THR A 122 8.13 -2.48 11.91
C THR A 122 8.51 -2.59 13.39
N ASP A 123 8.92 -3.77 13.83
CA ASP A 123 9.36 -3.95 15.23
C ASP A 123 10.54 -3.03 15.48
N ALA A 124 11.51 -3.04 14.55
CA ALA A 124 12.69 -2.18 14.65
C ALA A 124 12.28 -0.72 14.57
N VAL A 125 11.32 -0.42 13.70
CA VAL A 125 10.83 0.94 13.53
C VAL A 125 10.28 1.41 14.89
N ALA A 126 9.50 0.56 15.54
CA ALA A 126 8.88 0.87 16.83
C ALA A 126 9.94 1.10 17.92
N ALA A 127 10.95 0.26 17.94
CA ALA A 127 12.01 0.36 18.92
C ALA A 127 12.80 1.66 18.74
N LEU A 128 13.15 1.99 17.49
CA LEU A 128 13.89 3.22 17.21
C LEU A 128 13.03 4.44 17.54
N LEU A 129 11.73 4.35 17.26
CA LEU A 129 10.81 5.44 17.57
C LEU A 129 10.83 5.70 19.08
N ALA A 130 10.61 4.63 19.84
CA ALA A 130 10.59 4.72 21.29
C ALA A 130 11.90 5.34 21.80
N GLU A 131 12.99 4.89 21.21
CA GLU A 131 14.30 5.37 21.55
C GLU A 131 14.44 6.85 21.23
N PHE A 132 13.98 7.23 20.04
CA PHE A 132 14.04 8.61 19.60
C PHE A 132 13.17 9.54 20.44
N LEU A 133 11.96 9.08 20.75
CA LEU A 133 11.04 9.90 21.55
C LEU A 133 11.34 9.80 23.04
N LYS A 134 12.27 8.91 23.39
CA LYS A 134 12.63 8.69 24.79
C LYS A 134 11.37 8.24 25.51
N ALA A 135 10.64 7.32 24.89
CA ALA A 135 9.39 6.83 25.46
C ALA A 135 9.63 6.06 26.76
N ASP A 136 8.65 6.10 27.64
CA ASP A 136 8.78 5.39 28.91
C ASP A 136 8.40 3.94 28.64
N LEU A 137 7.66 3.72 27.57
CA LEU A 137 7.16 2.39 27.30
C LEU A 137 6.93 2.01 25.85
N LEU A 138 7.29 0.77 25.54
CA LEU A 138 7.10 0.20 24.21
C LEU A 138 6.19 -1.02 24.41
N VAL A 139 5.00 -0.96 23.83
CA VAL A 139 4.05 -2.07 23.94
C VAL A 139 3.93 -2.77 22.59
N VAL A 140 4.28 -4.05 22.56
CA VAL A 140 4.20 -4.84 21.34
C VAL A 140 2.95 -5.73 21.39
N ILE A 141 1.99 -5.46 20.52
CA ILE A 141 0.77 -6.23 20.44
C ILE A 141 0.96 -7.13 19.23
N THR A 142 1.28 -8.39 19.49
CA THR A 142 1.52 -9.35 18.44
C THR A 142 0.47 -10.46 18.45
N ASN A 143 0.71 -11.52 17.68
CA ASN A 143 -0.23 -12.61 17.60
C ASN A 143 0.06 -13.78 18.55
N VAL A 144 0.90 -13.53 19.55
CA VAL A 144 1.21 -14.53 20.57
C VAL A 144 1.05 -13.87 21.94
N ASP A 145 0.81 -14.70 22.95
CA ASP A 145 0.61 -14.32 24.34
C ASP A 145 1.66 -13.43 24.98
N GLY A 146 2.92 -13.72 24.66
CA GLY A 146 4.04 -13.01 25.22
C GLY A 146 5.27 -13.74 24.72
N VAL A 147 6.38 -13.67 25.46
CA VAL A 147 7.60 -14.34 25.02
C VAL A 147 7.70 -15.74 25.61
N TYR A 148 7.88 -16.72 24.73
CA TYR A 148 8.00 -18.11 25.15
C TYR A 148 9.40 -18.65 24.87
N THR A 149 9.73 -19.73 25.54
CA THR A 149 11.02 -20.41 25.39
C THR A 149 11.12 -21.07 24.01
N ALA A 150 9.97 -21.19 23.33
CA ALA A 150 9.90 -21.80 22.01
C ALA A 150 8.63 -21.31 21.32
N ASP A 151 8.51 -21.51 20.01
CA ASP A 151 7.32 -21.08 19.28
C ASP A 151 6.08 -21.76 19.87
N PRO A 152 5.24 -21.00 20.58
CA PRO A 152 4.02 -21.50 21.21
C PRO A 152 2.95 -22.09 20.28
N LYS A 153 2.97 -21.70 19.01
CA LYS A 153 1.98 -22.23 18.09
C LYS A 153 2.45 -23.60 17.57
N LYS A 154 3.69 -23.95 17.89
CA LYS A 154 4.24 -25.20 17.41
C LYS A 154 4.81 -26.15 18.47
N ASP A 155 5.81 -25.70 19.21
CA ASP A 155 6.46 -26.50 20.24
C ASP A 155 5.62 -26.63 21.52
N PRO A 156 5.25 -27.87 21.89
CA PRO A 156 4.46 -28.16 23.08
C PRO A 156 5.10 -27.77 24.41
N THR A 157 6.43 -27.74 24.45
CA THR A 157 7.13 -27.39 25.69
C THR A 157 7.34 -25.89 25.85
N ALA A 158 6.89 -25.12 24.87
CA ALA A 158 7.02 -23.66 24.92
C ALA A 158 6.41 -23.14 26.22
N LYS A 159 7.22 -22.49 27.06
CA LYS A 159 6.72 -21.94 28.30
C LYS A 159 6.89 -20.43 28.24
N LYS A 160 5.91 -19.69 28.78
CA LYS A 160 5.96 -18.24 28.78
C LYS A 160 6.81 -17.68 29.92
N ILE A 161 7.69 -16.76 29.58
CA ILE A 161 8.57 -16.12 30.54
C ILE A 161 8.02 -14.72 30.84
N LYS A 162 7.40 -14.58 32.02
CA LYS A 162 6.79 -13.32 32.44
C LYS A 162 7.72 -12.11 32.46
N LYS A 163 8.96 -12.32 32.90
CA LYS A 163 9.91 -11.21 32.98
C LYS A 163 11.32 -11.59 32.60
N MET A 164 11.98 -10.70 31.86
CA MET A 164 13.35 -10.94 31.45
C MET A 164 14.07 -9.61 31.25
N LYS A 165 15.39 -9.67 31.16
CA LYS A 165 16.19 -8.48 30.93
C LYS A 165 16.51 -8.51 29.45
N PRO A 166 16.85 -7.36 28.86
CA PRO A 166 17.16 -7.32 27.42
C PRO A 166 18.07 -8.45 26.91
N GLU A 167 19.05 -8.84 27.71
CA GLU A 167 19.98 -9.90 27.33
C GLU A 167 19.24 -11.22 27.07
N GLU A 168 18.25 -11.51 27.91
CA GLU A 168 17.45 -12.72 27.77
C GLU A 168 16.78 -12.73 26.41
N LEU A 169 16.07 -11.65 26.10
CA LEU A 169 15.38 -11.51 24.83
C LEU A 169 16.32 -11.71 23.64
N LEU A 170 17.56 -11.23 23.80
CA LEU A 170 18.54 -11.38 22.74
C LEU A 170 18.87 -12.86 22.51
N GLU A 171 19.10 -13.61 23.59
CA GLU A 171 19.40 -15.03 23.48
C GLU A 171 18.24 -15.72 22.77
N ILE A 172 17.04 -15.55 23.32
CA ILE A 172 15.82 -16.14 22.78
C ILE A 172 15.57 -15.82 21.31
N VAL A 173 15.72 -14.55 20.93
CA VAL A 173 15.50 -14.14 19.56
C VAL A 173 16.57 -14.66 18.61
N GLY A 174 17.71 -15.07 19.17
CA GLY A 174 18.79 -15.61 18.36
C GLY A 174 18.62 -17.11 18.16
N LYS A 175 18.41 -17.83 19.26
CA LYS A 175 18.23 -19.28 19.22
C LYS A 175 17.26 -19.69 18.12
N SER A 184 10.55 -15.92 15.80
CA SER A 184 10.88 -15.06 16.94
C SER A 184 9.84 -13.96 17.13
N VAL A 185 9.34 -13.82 18.35
CA VAL A 185 8.34 -12.80 18.66
C VAL A 185 8.79 -11.45 18.17
N ILE A 186 10.06 -11.13 18.42
CA ILE A 186 10.63 -9.86 18.01
C ILE A 186 11.81 -10.07 17.07
N ASP A 187 11.98 -9.13 16.14
CA ASP A 187 13.06 -9.18 15.18
C ASP A 187 14.37 -8.75 15.84
N PRO A 188 15.48 -9.45 15.55
CA PRO A 188 16.82 -9.21 16.07
C PRO A 188 17.26 -7.75 16.19
N LEU A 189 17.19 -7.00 15.10
CA LEU A 189 17.57 -5.60 15.15
C LEU A 189 16.76 -4.88 16.23
N ALA A 190 15.44 -5.12 16.25
CA ALA A 190 14.57 -4.49 17.25
C ALA A 190 15.06 -4.88 18.63
N ALA A 191 15.50 -6.13 18.76
CA ALA A 191 16.00 -6.64 20.03
C ALA A 191 17.28 -5.95 20.46
N LYS A 192 18.13 -5.64 19.48
CA LYS A 192 19.39 -4.97 19.75
C LYS A 192 19.16 -3.53 20.19
N ILE A 193 18.13 -2.91 19.63
CA ILE A 193 17.81 -1.53 19.96
C ILE A 193 17.24 -1.44 21.36
N ILE A 194 16.36 -2.39 21.69
CA ILE A 194 15.75 -2.45 23.01
C ILE A 194 16.84 -2.68 24.07
N ALA A 195 17.84 -3.49 23.70
CA ALA A 195 18.94 -3.78 24.62
C ALA A 195 19.95 -2.63 24.76
N ARG A 196 20.22 -1.90 23.68
CA ARG A 196 21.20 -0.82 23.76
C ARG A 196 20.70 0.41 24.52
N THR A 197 19.38 0.60 24.56
CA THR A 197 18.82 1.75 25.26
C THR A 197 18.14 1.33 26.56
N GLY A 198 17.81 0.06 26.68
CA GLY A 198 17.13 -0.42 27.87
C GLY A 198 15.66 0.00 27.88
N ILE A 199 15.02 -0.05 26.72
CA ILE A 199 13.62 0.33 26.56
C ILE A 199 12.67 -0.64 27.27
N LYS A 200 11.89 -0.16 28.23
CA LYS A 200 10.95 -1.03 28.93
C LYS A 200 9.89 -1.50 27.92
N THR A 201 9.88 -2.81 27.66
CA THR A 201 8.98 -3.39 26.68
C THR A 201 8.02 -4.46 27.21
N ILE A 202 6.77 -4.35 26.77
CA ILE A 202 5.72 -5.26 27.14
C ILE A 202 5.24 -5.96 25.86
N VAL A 203 5.14 -7.27 25.91
CA VAL A 203 4.70 -8.06 24.77
C VAL A 203 3.40 -8.78 25.14
N ILE A 204 2.32 -8.37 24.48
CA ILE A 204 0.99 -8.94 24.74
C ILE A 204 0.29 -9.34 23.44
N GLY A 205 -0.80 -10.10 23.59
CA GLY A 205 -1.59 -10.53 22.44
C GLY A 205 -2.89 -9.73 22.37
N LYS A 206 -3.79 -10.12 21.47
CA LYS A 206 -5.08 -9.44 21.30
C LYS A 206 -5.91 -9.36 22.56
N GLU A 207 -6.00 -10.46 23.31
CA GLU A 207 -6.78 -10.48 24.54
C GLU A 207 -6.45 -9.34 25.48
N ASP A 208 -5.19 -9.27 25.91
CA ASP A 208 -4.79 -8.20 26.80
C ASP A 208 -4.95 -6.83 26.16
N ALA A 209 -4.82 -6.78 24.84
CA ALA A 209 -4.94 -5.50 24.12
C ALA A 209 -6.32 -4.87 24.29
N LYS A 210 -7.31 -5.65 24.68
CA LYS A 210 -8.66 -5.11 24.86
C LYS A 210 -8.72 -4.03 25.95
N ASP A 211 -7.74 -3.99 26.83
CA ASP A 211 -7.72 -2.99 27.90
C ASP A 211 -6.33 -2.41 28.12
N LEU A 212 -5.92 -1.49 27.25
CA LEU A 212 -4.60 -0.89 27.34
C LEU A 212 -4.37 -0.12 28.64
N PHE A 213 -5.44 0.40 29.24
CA PHE A 213 -5.33 1.14 30.49
C PHE A 213 -4.69 0.22 31.55
N ARG A 214 -5.17 -1.01 31.62
CA ARG A 214 -4.66 -1.98 32.57
C ARG A 214 -3.28 -2.46 32.17
N VAL A 215 -3.08 -2.66 30.86
CA VAL A 215 -1.80 -3.14 30.36
C VAL A 215 -0.64 -2.24 30.78
N ILE A 216 -0.80 -0.92 30.61
CA ILE A 216 0.27 0.01 30.94
C ILE A 216 0.56 0.17 32.43
N LYS A 217 -0.28 -0.41 33.28
CA LYS A 217 -0.07 -0.36 34.73
C LYS A 217 0.67 -1.63 35.13
N GLY A 218 0.81 -2.54 34.18
CA GLY A 218 1.50 -3.79 34.47
C GLY A 218 0.53 -4.93 34.70
N ASP A 219 -0.76 -4.68 34.51
CA ASP A 219 -1.79 -5.69 34.71
C ASP A 219 -2.10 -6.38 33.39
N HIS A 220 -1.33 -7.42 33.09
CA HIS A 220 -1.49 -8.16 31.84
C HIS A 220 -0.85 -9.53 32.01
N ASN A 221 -1.09 -10.43 31.06
CA ASN A 221 -0.52 -11.76 31.12
C ASN A 221 0.60 -11.92 30.10
N GLY A 222 1.12 -10.80 29.63
CA GLY A 222 2.20 -10.87 28.66
C GLY A 222 3.57 -10.90 29.29
N THR A 223 4.57 -10.50 28.53
CA THR A 223 5.95 -10.49 28.97
C THR A 223 6.46 -9.06 29.12
N THR A 224 7.20 -8.81 30.19
CA THR A 224 7.78 -7.50 30.43
C THR A 224 9.30 -7.62 30.31
N ILE A 225 9.89 -6.79 29.48
CA ILE A 225 11.33 -6.79 29.28
C ILE A 225 11.92 -5.44 29.68
N GLU A 226 12.88 -5.46 30.59
CA GLU A 226 13.54 -4.24 31.05
C GLU A 226 14.86 -4.55 31.75
N PRO A 227 15.79 -3.58 31.77
CA PRO A 227 17.10 -3.74 32.41
C PRO A 227 17.00 -4.07 33.91
N HIS B 2 9.24 4.48 -32.82
CA HIS B 2 8.39 5.24 -33.78
C HIS B 2 7.23 5.93 -33.05
N MET B 3 6.62 5.22 -32.10
CA MET B 3 5.51 5.78 -31.33
C MET B 3 5.81 5.91 -29.84
N ARG B 4 5.12 6.85 -29.20
CA ARG B 4 5.23 7.04 -27.77
C ARG B 4 3.85 6.59 -27.30
N ILE B 5 3.80 5.54 -26.50
CA ILE B 5 2.53 5.00 -26.03
C ILE B 5 2.32 4.98 -24.52
N VAL B 6 1.10 5.30 -24.10
CA VAL B 6 0.76 5.28 -22.70
C VAL B 6 -0.31 4.22 -22.51
N PHE B 7 -0.05 3.28 -21.60
CA PHE B 7 -0.96 2.20 -21.30
C PHE B 7 -1.63 2.44 -19.95
N ASP B 8 -2.96 2.34 -19.93
CA ASP B 8 -3.75 2.52 -18.73
C ASP B 8 -4.38 1.18 -18.38
N ILE B 9 -3.78 0.48 -17.43
CA ILE B 9 -4.26 -0.85 -17.02
C ILE B 9 -5.19 -0.77 -15.81
N GLY B 10 -6.46 -1.11 -16.04
CA GLY B 10 -7.45 -1.08 -14.97
C GLY B 10 -7.07 -1.93 -13.77
N GLY B 11 -7.39 -1.44 -12.57
CA GLY B 11 -7.07 -2.17 -11.36
C GLY B 11 -7.74 -3.53 -11.27
N SER B 12 -8.99 -3.61 -11.73
CA SER B 12 -9.70 -4.88 -11.68
C SER B 12 -9.08 -5.91 -12.61
N VAL B 13 -8.43 -5.44 -13.66
CA VAL B 13 -7.78 -6.33 -14.61
C VAL B 13 -6.51 -6.95 -14.04
N LEU B 14 -5.68 -6.14 -13.41
CA LEU B 14 -4.43 -6.62 -12.81
C LEU B 14 -4.68 -7.37 -11.50
N VAL B 15 -5.65 -6.88 -10.73
CA VAL B 15 -5.99 -7.48 -9.45
C VAL B 15 -7.51 -7.69 -9.39
N PRO B 16 -7.99 -8.80 -9.98
CA PRO B 16 -9.42 -9.17 -10.02
C PRO B 16 -9.96 -9.38 -8.61
N GLU B 17 -9.28 -10.26 -7.88
CA GLU B 17 -9.63 -10.59 -6.51
C GLU B 17 -8.29 -10.36 -5.82
N ASN B 18 -7.32 -11.16 -6.23
CA ASN B 18 -5.96 -11.07 -5.76
C ASN B 18 -5.20 -10.73 -7.04
N PRO B 19 -3.85 -10.66 -6.98
CA PRO B 19 -3.13 -10.35 -8.21
C PRO B 19 -3.17 -11.52 -9.21
N ASP B 20 -3.55 -11.23 -10.45
CA ASP B 20 -3.62 -12.23 -11.51
C ASP B 20 -2.19 -12.48 -11.99
N ILE B 21 -1.49 -13.40 -11.32
CA ILE B 21 -0.09 -13.70 -11.64
C ILE B 21 0.29 -13.84 -13.11
N ASP B 22 -0.19 -14.88 -13.78
CA ASP B 22 0.19 -15.06 -15.17
C ASP B 22 -0.18 -13.89 -16.08
N PHE B 23 -1.28 -13.20 -15.80
CA PHE B 23 -1.68 -12.06 -16.63
C PHE B 23 -0.66 -10.93 -16.47
N ILE B 24 -0.18 -10.75 -15.24
CA ILE B 24 0.80 -9.72 -14.96
C ILE B 24 2.08 -10.07 -15.70
N LYS B 25 2.43 -11.35 -15.68
CA LYS B 25 3.63 -11.85 -16.34
C LYS B 25 3.56 -11.57 -17.84
N GLU B 26 2.39 -11.82 -18.42
CA GLU B 26 2.16 -11.63 -19.85
C GLU B 26 2.18 -10.16 -20.28
N ILE B 27 1.38 -9.35 -19.62
CA ILE B 27 1.30 -7.92 -19.93
C ILE B 27 2.69 -7.32 -19.75
N ALA B 28 3.44 -7.81 -18.75
CA ALA B 28 4.78 -7.32 -18.49
C ALA B 28 5.70 -7.68 -19.64
N TYR B 29 5.55 -8.92 -20.12
CA TYR B 29 6.36 -9.41 -21.21
C TYR B 29 6.07 -8.62 -22.49
N GLN B 30 4.78 -8.47 -22.82
CA GLN B 30 4.38 -7.75 -24.01
C GLN B 30 4.80 -6.29 -23.96
N LEU B 31 4.62 -5.67 -22.81
CA LEU B 31 5.03 -4.27 -22.63
C LEU B 31 6.51 -4.17 -22.95
N THR B 32 7.26 -5.18 -22.55
CA THR B 32 8.71 -5.21 -22.80
C THR B 32 9.02 -5.26 -24.30
N LYS B 33 8.31 -6.10 -25.04
CA LYS B 33 8.53 -6.22 -26.48
C LYS B 33 8.16 -4.90 -27.14
N VAL B 34 7.01 -4.37 -26.78
CA VAL B 34 6.55 -3.10 -27.34
C VAL B 34 7.57 -2.00 -27.12
N SER B 35 8.28 -2.04 -26.00
CA SER B 35 9.27 -1.01 -25.67
C SER B 35 10.55 -1.11 -26.50
N GLU B 36 10.75 -2.23 -27.18
CA GLU B 36 11.94 -2.38 -28.03
C GLU B 36 11.73 -1.47 -29.25
N ASP B 37 10.47 -1.34 -29.67
CA ASP B 37 10.14 -0.52 -30.84
C ASP B 37 9.51 0.84 -30.55
N HIS B 38 8.96 1.03 -29.36
CA HIS B 38 8.34 2.31 -29.01
C HIS B 38 8.69 2.72 -27.59
N GLU B 39 8.37 3.96 -27.25
CA GLU B 39 8.62 4.46 -25.91
C GLU B 39 7.37 4.14 -25.10
N VAL B 40 7.53 3.37 -24.03
CA VAL B 40 6.40 2.96 -23.20
C VAL B 40 6.32 3.59 -21.83
N ALA B 41 5.08 3.90 -21.41
CA ALA B 41 4.78 4.48 -20.10
C ALA B 41 3.51 3.78 -19.63
N VAL B 42 3.42 3.51 -18.34
CA VAL B 42 2.26 2.80 -17.81
C VAL B 42 1.68 3.37 -16.50
N VAL B 43 0.36 3.30 -16.38
CA VAL B 43 -0.34 3.75 -15.19
C VAL B 43 -1.24 2.59 -14.77
N VAL B 44 -1.17 2.20 -13.50
CA VAL B 44 -1.97 1.09 -12.99
C VAL B 44 -3.06 1.49 -11.99
N GLY B 45 -4.23 0.86 -12.10
CA GLY B 45 -5.33 1.16 -11.21
C GLY B 45 -5.30 0.43 -9.88
N GLY B 46 -6.37 0.61 -9.09
CA GLY B 46 -6.46 0.00 -7.77
C GLY B 46 -7.21 -1.31 -7.64
N GLY B 47 -8.22 -1.51 -8.47
CA GLY B 47 -8.98 -2.75 -8.42
C GLY B 47 -9.81 -3.02 -7.17
N LYS B 48 -10.10 -4.28 -6.94
CA LYS B 48 -10.92 -4.69 -5.82
C LYS B 48 -10.26 -4.37 -4.48
N LEU B 49 -8.95 -4.55 -4.40
CA LEU B 49 -8.21 -4.27 -3.17
C LEU B 49 -8.40 -2.84 -2.68
N ALA B 50 -8.35 -1.87 -3.60
CA ALA B 50 -8.51 -0.47 -3.23
C ALA B 50 -9.90 -0.22 -2.69
N ARG B 51 -10.87 -0.94 -3.22
CA ARG B 51 -12.24 -0.77 -2.75
C ARG B 51 -12.40 -1.36 -1.35
N LYS B 52 -11.76 -2.48 -1.09
CA LYS B 52 -11.84 -3.07 0.24
C LYS B 52 -11.34 -2.05 1.26
N TYR B 53 -10.12 -1.55 1.05
CA TYR B 53 -9.52 -0.57 1.96
C TYR B 53 -10.32 0.72 2.07
N ILE B 54 -10.90 1.15 0.96
CA ILE B 54 -11.69 2.36 0.96
C ILE B 54 -12.96 2.09 1.78
N GLU B 55 -13.54 0.91 1.61
CA GLU B 55 -14.74 0.58 2.36
C GLU B 55 -14.45 0.57 3.86
N VAL B 56 -13.28 0.07 4.26
CA VAL B 56 -12.92 0.05 5.67
C VAL B 56 -12.90 1.48 6.21
N ALA B 57 -12.24 2.39 5.50
CA ALA B 57 -12.19 3.78 5.93
C ALA B 57 -13.59 4.36 5.97
N GLU B 58 -14.44 3.96 5.03
CA GLU B 58 -15.82 4.44 4.98
C GLU B 58 -16.52 4.09 6.30
N LYS B 59 -16.24 2.91 6.84
CA LYS B 59 -16.83 2.46 8.09
C LYS B 59 -16.47 3.39 9.25
N PHE B 60 -15.37 4.11 9.12
CA PHE B 60 -14.99 5.04 10.18
C PHE B 60 -15.34 6.47 9.79
N ASN B 61 -16.20 6.57 8.78
CA ASN B 61 -16.68 7.86 8.29
C ASN B 61 -15.56 8.81 7.87
N SER B 62 -14.50 8.24 7.33
CA SER B 62 -13.38 9.01 6.85
C SER B 62 -13.89 9.92 5.71
N SER B 63 -13.26 11.07 5.52
CA SER B 63 -13.69 11.97 4.44
C SER B 63 -13.38 11.33 3.08
N GLU B 64 -14.10 11.76 2.05
CA GLU B 64 -13.90 11.23 0.71
C GLU B 64 -12.49 11.51 0.21
N THR B 65 -11.90 12.61 0.66
CA THR B 65 -10.55 12.97 0.24
C THR B 65 -9.54 11.94 0.78
N PHE B 66 -9.69 11.57 2.05
CA PHE B 66 -8.78 10.62 2.66
C PHE B 66 -8.97 9.23 2.02
N LYS B 67 -10.21 8.92 1.61
CA LYS B 67 -10.43 7.63 0.97
C LYS B 67 -9.66 7.60 -0.35
N ASP B 68 -9.66 8.75 -1.04
CA ASP B 68 -8.96 8.88 -2.31
C ASP B 68 -7.49 8.60 -2.07
N PHE B 69 -6.96 9.13 -0.97
CA PHE B 69 -5.55 8.91 -0.65
C PHE B 69 -5.25 7.45 -0.41
N ILE B 70 -6.22 6.72 0.15
CA ILE B 70 -6.02 5.30 0.42
C ILE B 70 -6.05 4.53 -0.89
N GLY B 71 -6.96 4.91 -1.78
CA GLY B 71 -7.03 4.24 -3.06
C GLY B 71 -5.73 4.46 -3.82
N ILE B 72 -5.22 5.69 -3.75
CA ILE B 72 -3.98 6.05 -4.43
C ILE B 72 -2.83 5.20 -3.92
N GLN B 73 -2.76 5.04 -2.59
CA GLN B 73 -1.73 4.25 -1.94
C GLN B 73 -1.77 2.79 -2.44
N ILE B 74 -2.99 2.26 -2.61
CA ILE B 74 -3.15 0.91 -3.10
C ILE B 74 -2.76 0.81 -4.59
N THR B 75 -3.06 1.84 -5.38
CA THR B 75 -2.70 1.79 -6.79
C THR B 75 -1.18 1.75 -6.94
N ARG B 76 -0.46 2.32 -5.98
CA ARG B 76 0.99 2.31 -6.07
C ARG B 76 1.53 0.94 -5.67
N ALA B 77 0.82 0.27 -4.76
CA ALA B 77 1.21 -1.07 -4.35
C ALA B 77 1.09 -1.96 -5.58
N ASN B 78 -0.01 -1.80 -6.32
CA ASN B 78 -0.24 -2.58 -7.52
C ASN B 78 0.85 -2.30 -8.56
N ALA B 79 1.22 -1.02 -8.70
CA ALA B 79 2.23 -0.65 -9.69
C ALA B 79 3.57 -1.31 -9.41
N MET B 80 3.87 -1.55 -8.15
CA MET B 80 5.11 -2.17 -7.75
C MET B 80 5.16 -3.62 -8.23
N LEU B 81 3.98 -4.23 -8.37
CA LEU B 81 3.92 -5.59 -8.84
C LEU B 81 4.32 -5.63 -10.32
N LEU B 82 3.86 -4.64 -11.10
CA LEU B 82 4.19 -4.58 -12.53
C LEU B 82 5.68 -4.26 -12.67
N ILE B 83 6.14 -3.26 -11.91
CA ILE B 83 7.55 -2.89 -11.95
C ILE B 83 8.39 -4.14 -11.72
N ALA B 84 7.96 -4.99 -10.79
CA ALA B 84 8.67 -6.22 -10.46
C ALA B 84 8.68 -7.16 -11.67
N ALA B 85 7.53 -7.29 -12.33
CA ALA B 85 7.41 -8.15 -13.49
C ALA B 85 8.16 -7.59 -14.70
N LEU B 86 8.30 -6.27 -14.74
CA LEU B 86 9.00 -5.63 -15.86
C LEU B 86 10.52 -5.76 -15.71
N ARG B 87 10.95 -6.23 -14.54
CA ARG B 87 12.36 -6.44 -14.26
C ARG B 87 13.24 -5.23 -14.58
N GLU B 88 14.42 -5.49 -15.11
CA GLU B 88 15.36 -4.41 -15.44
C GLU B 88 14.92 -3.40 -16.50
N LYS B 89 13.78 -3.60 -17.13
CA LYS B 89 13.36 -2.64 -18.13
C LYS B 89 12.48 -1.56 -17.50
N ALA B 90 12.15 -1.74 -16.23
CA ALA B 90 11.32 -0.77 -15.55
C ALA B 90 12.10 0.27 -14.77
N TYR B 91 11.45 1.39 -14.52
CA TYR B 91 12.04 2.45 -13.72
C TYR B 91 11.78 1.86 -12.32
N PRO B 92 12.82 1.75 -11.49
CA PRO B 92 12.78 1.20 -10.13
C PRO B 92 11.62 1.60 -9.21
N VAL B 93 11.40 2.89 -9.02
CA VAL B 93 10.34 3.38 -8.15
C VAL B 93 9.07 3.75 -8.88
N VAL B 94 7.96 3.79 -8.14
CA VAL B 94 6.66 4.17 -8.70
C VAL B 94 6.72 5.67 -8.96
N VAL B 95 6.40 6.07 -10.18
CA VAL B 95 6.42 7.48 -10.56
C VAL B 95 5.20 8.21 -10.02
N GLU B 96 5.43 9.36 -9.39
CA GLU B 96 4.35 10.14 -8.79
C GLU B 96 3.98 11.43 -9.49
N ASP B 97 4.82 11.88 -10.40
CA ASP B 97 4.48 13.06 -11.16
C ASP B 97 5.01 12.93 -12.58
N PHE B 98 4.38 13.65 -13.49
CA PHE B 98 4.70 13.58 -14.90
C PHE B 98 6.13 13.79 -15.37
N TRP B 99 6.80 14.85 -14.94
CA TRP B 99 8.17 15.05 -15.40
C TRP B 99 9.06 13.90 -14.95
N GLU B 100 8.64 13.22 -13.88
CA GLU B 100 9.39 12.06 -13.35
C GLU B 100 9.29 10.95 -14.38
N ALA B 101 8.10 10.81 -14.98
CA ALA B 101 7.88 9.81 -16.00
C ALA B 101 8.73 10.20 -17.19
N TRP B 102 8.81 11.50 -17.44
CA TRP B 102 9.61 12.02 -18.54
C TRP B 102 11.08 11.65 -18.39
N LYS B 103 11.62 11.74 -17.17
CA LYS B 103 13.01 11.40 -16.96
C LYS B 103 13.22 9.91 -17.25
N ALA B 104 12.27 9.10 -16.84
CA ALA B 104 12.37 7.66 -17.05
C ALA B 104 12.46 7.34 -18.54
N VAL B 105 11.66 8.03 -19.33
CA VAL B 105 11.63 7.84 -20.78
C VAL B 105 12.99 8.20 -21.39
N GLN B 106 13.60 9.26 -20.87
CA GLN B 106 14.89 9.70 -21.36
C GLN B 106 15.94 8.64 -21.05
N LEU B 107 15.72 7.90 -19.97
CA LEU B 107 16.64 6.83 -19.55
C LEU B 107 16.32 5.50 -20.20
N LYS B 108 15.34 5.50 -21.11
CA LYS B 108 14.93 4.28 -21.82
C LYS B 108 14.40 3.24 -20.85
N LYS B 109 13.71 3.69 -19.82
CA LYS B 109 13.13 2.79 -18.84
C LYS B 109 11.63 3.05 -18.80
N ILE B 110 10.86 2.01 -18.57
CA ILE B 110 9.40 2.13 -18.53
C ILE B 110 8.93 2.67 -17.18
N PRO B 111 8.36 3.88 -17.15
CA PRO B 111 7.89 4.41 -15.88
C PRO B 111 6.51 3.82 -15.58
N VAL B 112 6.27 3.46 -14.32
CA VAL B 112 4.98 2.93 -13.93
C VAL B 112 4.40 3.79 -12.83
N MET B 113 3.33 4.51 -13.16
CA MET B 113 2.67 5.40 -12.22
C MET B 113 1.44 4.74 -11.63
N GLY B 114 1.00 5.27 -10.48
CA GLY B 114 -0.21 4.82 -9.83
C GLY B 114 -1.06 6.09 -9.88
N GLY B 115 -1.88 6.33 -8.87
CA GLY B 115 -2.68 7.54 -8.84
C GLY B 115 -1.86 8.76 -8.44
N THR B 116 -2.44 9.95 -8.46
CA THR B 116 -1.66 11.13 -8.09
C THR B 116 -2.35 12.16 -7.21
N HIS B 117 -3.64 12.35 -7.39
CA HIS B 117 -4.34 13.37 -6.64
C HIS B 117 -5.80 13.00 -6.39
N PRO B 118 -6.38 13.44 -5.27
CA PRO B 118 -7.78 13.14 -4.97
C PRO B 118 -8.66 13.76 -6.04
N GLY B 119 -9.88 13.25 -6.17
CA GLY B 119 -10.78 13.82 -7.16
C GLY B 119 -10.86 13.12 -8.50
N HIS B 120 -9.85 12.33 -8.84
CA HIS B 120 -9.91 11.63 -10.10
C HIS B 120 -9.37 10.23 -10.01
N THR B 121 -9.27 9.55 -11.15
CA THR B 121 -8.83 8.17 -11.18
C THR B 121 -7.59 8.03 -12.05
N THR B 122 -7.05 6.82 -12.08
CA THR B 122 -5.86 6.56 -12.89
C THR B 122 -6.09 6.84 -14.38
N ASP B 123 -7.34 6.81 -14.84
CA ASP B 123 -7.60 7.11 -16.25
C ASP B 123 -7.17 8.55 -16.52
N ALA B 124 -7.52 9.44 -15.60
CA ALA B 124 -7.14 10.84 -15.70
C ALA B 124 -5.63 10.94 -15.63
N VAL B 125 -5.02 10.14 -14.78
CA VAL B 125 -3.57 10.16 -14.65
C VAL B 125 -2.96 9.79 -16.00
N ALA B 126 -3.41 8.68 -16.60
CA ALA B 126 -2.88 8.23 -17.89
C ALA B 126 -3.15 9.26 -19.01
N ALA B 127 -4.34 9.85 -18.99
CA ALA B 127 -4.72 10.87 -19.96
C ALA B 127 -3.78 12.07 -19.88
N LEU B 128 -3.59 12.58 -18.66
CA LEU B 128 -2.70 13.72 -18.43
C LEU B 128 -1.24 13.36 -18.72
N LEU B 129 -0.92 12.08 -18.56
CA LEU B 129 0.44 11.60 -18.81
C LEU B 129 0.65 11.54 -20.33
N ALA B 130 -0.36 11.03 -21.03
CA ALA B 130 -0.31 10.94 -22.48
C ALA B 130 -0.14 12.35 -23.02
N GLU B 131 -0.94 13.27 -22.48
CA GLU B 131 -0.92 14.67 -22.88
C GLU B 131 0.42 15.35 -22.57
N PHE B 132 0.93 15.13 -21.37
CA PHE B 132 2.21 15.73 -20.96
C PHE B 132 3.34 15.25 -21.84
N LEU B 133 3.36 13.95 -22.12
CA LEU B 133 4.39 13.33 -22.95
C LEU B 133 4.12 13.49 -24.45
N LYS B 134 2.97 14.04 -24.82
CA LYS B 134 2.61 14.20 -26.22
C LYS B 134 2.63 12.81 -26.89
N ALA B 135 2.14 11.82 -26.14
CA ALA B 135 2.10 10.44 -26.61
C ALA B 135 1.26 10.35 -27.87
N ASP B 136 1.62 9.44 -28.77
CA ASP B 136 0.88 9.25 -30.01
C ASP B 136 -0.37 8.41 -29.74
N LEU B 137 -0.27 7.52 -28.75
CA LEU B 137 -1.37 6.63 -28.45
C LEU B 137 -1.58 6.44 -26.95
N LEU B 138 -2.84 6.27 -26.58
CA LEU B 138 -3.24 6.03 -25.21
C LEU B 138 -4.08 4.76 -25.28
N VAL B 139 -3.64 3.70 -24.62
CA VAL B 139 -4.37 2.43 -24.62
C VAL B 139 -5.00 2.22 -23.24
N VAL B 140 -6.33 2.15 -23.21
CA VAL B 140 -7.09 1.94 -21.98
C VAL B 140 -7.60 0.51 -21.89
N ILE B 141 -7.06 -0.24 -20.94
CA ILE B 141 -7.44 -1.63 -20.73
C ILE B 141 -8.33 -1.68 -19.49
N THR B 142 -9.63 -1.84 -19.71
CA THR B 142 -10.58 -1.88 -18.60
C THR B 142 -11.30 -3.22 -18.48
N ASN B 143 -12.31 -3.27 -17.63
CA ASN B 143 -13.07 -4.50 -17.41
C ASN B 143 -14.20 -4.68 -18.41
N VAL B 144 -14.43 -3.67 -19.24
CA VAL B 144 -15.49 -3.77 -20.24
C VAL B 144 -14.88 -4.00 -21.63
N ASP B 145 -15.64 -4.69 -22.48
CA ASP B 145 -15.25 -5.02 -23.83
C ASP B 145 -14.84 -3.80 -24.68
N GLY B 146 -15.49 -2.67 -24.41
CA GLY B 146 -15.19 -1.45 -25.15
C GLY B 146 -16.17 -0.35 -24.73
N VAL B 147 -16.42 0.60 -25.62
CA VAL B 147 -17.35 1.68 -25.30
C VAL B 147 -18.74 1.39 -25.87
N TYR B 148 -19.68 1.09 -24.99
CA TYR B 148 -21.04 0.79 -25.40
C TYR B 148 -21.96 1.98 -25.22
N THR B 149 -23.07 1.99 -25.96
CA THR B 149 -24.05 3.06 -25.90
C THR B 149 -24.85 2.97 -24.59
N ALA B 150 -24.39 2.11 -23.68
CA ALA B 150 -25.05 1.91 -22.39
C ALA B 150 -24.30 0.87 -21.57
N ASP B 151 -24.78 0.59 -20.36
CA ASP B 151 -24.15 -0.39 -19.47
C ASP B 151 -23.74 -1.65 -20.25
N THR B 157 -29.95 -4.05 -23.53
CA THR B 157 -29.33 -4.35 -24.83
C THR B 157 -28.69 -3.11 -25.44
N ALA B 158 -27.45 -2.82 -25.04
CA ALA B 158 -26.70 -1.68 -25.55
C ALA B 158 -26.05 -2.01 -26.89
N LYS B 159 -24.90 -1.40 -27.16
CA LYS B 159 -24.18 -1.64 -28.42
C LYS B 159 -22.78 -1.04 -28.36
N LYS B 160 -21.83 -1.70 -29.02
CA LYS B 160 -20.45 -1.22 -29.04
C LYS B 160 -20.15 -0.33 -30.24
N ILE B 161 -19.58 0.83 -29.98
CA ILE B 161 -19.24 1.79 -31.02
C ILE B 161 -17.78 1.61 -31.44
N LYS B 162 -17.57 1.21 -32.70
CA LYS B 162 -16.23 1.00 -33.23
C LYS B 162 -15.39 2.26 -33.10
N LYS B 163 -15.78 3.31 -33.81
CA LYS B 163 -15.06 4.58 -33.76
C LYS B 163 -15.95 5.73 -33.34
N MET B 164 -15.33 6.77 -32.80
CA MET B 164 -16.04 7.96 -32.34
C MET B 164 -15.02 9.06 -32.15
N LYS B 165 -15.50 10.29 -31.95
CA LYS B 165 -14.62 11.43 -31.75
C LYS B 165 -14.65 11.85 -30.29
N PRO B 166 -13.60 12.56 -29.83
CA PRO B 166 -13.54 13.01 -28.44
C PRO B 166 -14.86 13.63 -27.96
N GLU B 167 -15.46 14.46 -28.80
CA GLU B 167 -16.73 15.10 -28.47
C GLU B 167 -17.77 14.06 -28.07
N GLU B 168 -17.97 13.06 -28.91
CA GLU B 168 -18.96 12.02 -28.63
C GLU B 168 -18.65 11.24 -27.36
N LEU B 169 -17.38 11.18 -26.97
CA LEU B 169 -16.99 10.47 -25.76
C LEU B 169 -17.45 11.22 -24.52
N LEU B 170 -17.45 12.55 -24.62
CA LEU B 170 -17.89 13.40 -23.52
C LEU B 170 -19.38 13.22 -23.26
N GLU B 171 -20.16 12.99 -24.32
CA GLU B 171 -21.59 12.80 -24.17
C GLU B 171 -21.85 11.49 -23.43
N ILE B 172 -21.38 10.40 -24.02
CA ILE B 172 -21.56 9.07 -23.45
C ILE B 172 -21.28 9.07 -21.95
N VAL B 173 -20.26 9.83 -21.54
CA VAL B 173 -19.91 9.91 -20.13
C VAL B 173 -20.70 11.09 -19.54
N GLY B 174 -21.98 10.90 -19.34
CA GLY B 174 -22.89 11.89 -18.79
C GLY B 174 -24.29 11.34 -18.59
N SER B 184 -19.65 3.60 -16.28
CA SER B 184 -18.88 4.82 -16.42
C SER B 184 -17.74 4.67 -17.44
N VAL B 185 -17.22 3.46 -17.55
CA VAL B 185 -16.12 3.08 -18.45
C VAL B 185 -14.85 3.94 -18.34
N ILE B 186 -15.02 5.26 -18.42
CA ILE B 186 -13.91 6.20 -18.31
C ILE B 186 -14.41 7.41 -17.51
N ASP B 187 -13.60 7.92 -16.59
CA ASP B 187 -14.04 9.07 -15.80
C ASP B 187 -14.01 10.36 -16.60
N PRO B 188 -14.97 11.26 -16.33
CA PRO B 188 -15.12 12.57 -16.98
C PRO B 188 -13.84 13.38 -17.12
N LEU B 189 -13.10 13.54 -16.03
CA LEU B 189 -11.87 14.30 -16.10
C LEU B 189 -10.99 13.74 -17.22
N ALA B 190 -10.86 12.42 -17.26
CA ALA B 190 -10.06 11.76 -18.28
C ALA B 190 -10.61 12.05 -19.68
N ALA B 191 -11.94 12.03 -19.81
CA ALA B 191 -12.57 12.31 -21.10
C ALA B 191 -12.35 13.76 -21.52
N LYS B 192 -12.30 14.65 -20.53
CA LYS B 192 -12.07 16.06 -20.78
C LYS B 192 -10.63 16.26 -21.28
N ILE B 193 -9.68 15.55 -20.67
CA ILE B 193 -8.28 15.66 -21.07
C ILE B 193 -8.09 15.12 -22.48
N ILE B 194 -8.78 14.01 -22.78
CA ILE B 194 -8.70 13.38 -24.09
C ILE B 194 -9.25 14.29 -25.18
N ALA B 195 -10.37 14.94 -24.90
CA ALA B 195 -10.99 15.84 -25.87
C ALA B 195 -10.17 17.12 -26.02
N ARG B 196 -9.90 17.77 -24.89
CA ARG B 196 -9.11 19.00 -24.87
C ARG B 196 -7.85 18.93 -25.73
N THR B 197 -7.18 17.78 -25.72
CA THR B 197 -5.94 17.60 -26.49
C THR B 197 -6.07 16.78 -27.78
N GLY B 198 -7.08 15.93 -27.86
CA GLY B 198 -7.25 15.12 -29.05
C GLY B 198 -6.31 13.93 -29.09
N ILE B 199 -6.14 13.31 -27.92
CA ILE B 199 -5.28 12.15 -27.76
C ILE B 199 -5.93 10.91 -28.37
N LYS B 200 -5.28 10.30 -29.37
CA LYS B 200 -5.85 9.10 -29.97
C LYS B 200 -5.94 8.04 -28.88
N THR B 201 -7.16 7.59 -28.60
CA THR B 201 -7.35 6.60 -27.54
C THR B 201 -8.05 5.31 -27.94
N ILE B 202 -7.52 4.19 -27.43
CA ILE B 202 -8.07 2.87 -27.70
C ILE B 202 -8.57 2.27 -26.38
N VAL B 203 -9.81 1.80 -26.37
CA VAL B 203 -10.39 1.19 -25.18
C VAL B 203 -10.69 -0.29 -25.44
N ILE B 204 -9.94 -1.16 -24.77
CA ILE B 204 -10.11 -2.60 -24.93
C ILE B 204 -10.27 -3.28 -23.60
N GLY B 205 -10.71 -4.54 -23.64
CA GLY B 205 -10.91 -5.31 -22.43
C GLY B 205 -9.77 -6.27 -22.16
N LYS B 206 -9.87 -7.02 -21.07
CA LYS B 206 -8.83 -7.96 -20.69
C LYS B 206 -8.52 -8.95 -21.81
N GLU B 207 -9.52 -9.27 -22.62
CA GLU B 207 -9.35 -10.20 -23.71
C GLU B 207 -8.33 -9.72 -24.74
N ASP B 208 -8.55 -8.53 -25.30
CA ASP B 208 -7.64 -7.97 -26.30
C ASP B 208 -6.28 -7.61 -25.70
N ALA B 209 -6.25 -7.36 -24.39
CA ALA B 209 -5.01 -7.00 -23.72
C ALA B 209 -4.02 -8.17 -23.75
N LYS B 210 -4.52 -9.33 -24.15
CA LYS B 210 -3.68 -10.53 -24.21
C LYS B 210 -2.72 -10.51 -25.41
N ASP B 211 -2.80 -9.46 -26.22
CA ASP B 211 -1.91 -9.33 -27.38
C ASP B 211 -1.76 -7.84 -27.70
N LEU B 212 -1.05 -7.13 -26.83
CA LEU B 212 -0.83 -5.71 -27.00
C LEU B 212 -0.13 -5.40 -28.30
N PHE B 213 0.86 -6.20 -28.65
CA PHE B 213 1.63 -5.96 -29.86
C PHE B 213 0.76 -5.70 -31.10
N ARG B 214 -0.37 -6.37 -31.19
CA ARG B 214 -1.27 -6.20 -32.34
C ARG B 214 -2.28 -5.09 -32.08
N VAL B 215 -2.69 -4.95 -30.83
CA VAL B 215 -3.65 -3.92 -30.45
C VAL B 215 -3.17 -2.53 -30.89
N ILE B 216 -1.89 -2.24 -30.64
CA ILE B 216 -1.34 -0.93 -31.01
C ILE B 216 -1.21 -0.74 -32.51
N LYS B 217 -1.72 -1.69 -33.28
CA LYS B 217 -1.66 -1.62 -34.73
C LYS B 217 -3.04 -1.67 -35.35
N GLY B 218 -4.06 -1.39 -34.53
CA GLY B 218 -5.43 -1.40 -35.01
C GLY B 218 -6.14 -2.72 -34.91
N ASP B 219 -5.38 -3.81 -34.83
CA ASP B 219 -6.00 -5.13 -34.73
C ASP B 219 -6.53 -5.37 -33.32
N HIS B 220 -7.80 -5.05 -33.13
CA HIS B 220 -8.49 -5.23 -31.85
C HIS B 220 -9.97 -4.98 -32.06
N ASN B 221 -10.80 -5.48 -31.15
CA ASN B 221 -12.24 -5.31 -31.29
C ASN B 221 -12.79 -4.41 -30.18
N GLY B 222 -12.06 -3.35 -29.89
CA GLY B 222 -12.48 -2.41 -28.87
C GLY B 222 -12.98 -1.13 -29.52
N THR B 223 -12.72 0.00 -28.88
CA THR B 223 -13.16 1.28 -29.42
C THR B 223 -12.00 2.24 -29.63
N THR B 224 -12.07 2.98 -30.74
CA THR B 224 -11.03 3.96 -31.07
C THR B 224 -11.59 5.37 -31.03
N ILE B 225 -11.18 6.13 -30.02
CA ILE B 225 -11.63 7.50 -29.86
C ILE B 225 -10.55 8.39 -30.44
N GLU B 226 -10.92 9.17 -31.44
CA GLU B 226 -9.98 10.04 -32.13
C GLU B 226 -10.68 11.22 -32.81
N PRO B 227 -10.02 12.40 -32.83
CA PRO B 227 -10.57 13.61 -33.45
C PRO B 227 -10.79 13.46 -34.95
PA UTP C . 6.50 -6.31 9.16
O1A UTP C . 7.11 -5.41 10.17
O2A UTP C . 5.06 -6.65 9.25
O3A UTP C . 7.37 -7.70 9.08
O5' UTP C . 6.81 -5.78 7.70
PB UTP C . 7.30 -9.09 9.85
O1B UTP C . 7.59 -9.05 11.38
O2B UTP C . 8.48 -9.74 9.22
O3B UTP C . 6.02 -9.74 9.13
PG UTP C . 5.26 -11.13 9.33
O1G UTP C . 4.07 -11.15 8.34
O2G UTP C . 6.32 -12.17 9.02
O3G UTP C . 4.77 -11.23 10.78
C5' UTP C . 6.32 -6.48 6.57
C4' UTP C . 7.40 -6.67 5.53
O4' UTP C . 7.82 -5.40 4.94
C1' UTP C . 9.22 -5.23 5.02
C2' UTP C . 9.83 -6.53 5.58
O2' UTP C . 10.64 -7.12 4.58
C3' UTP C . 8.64 -7.40 6.00
O3' UTP C . 8.70 -8.70 5.43
N1 UTP C . 9.59 -4.03 5.86
C6 UTP C . 8.72 -3.48 6.82
C2 UTP C . 10.88 -3.47 5.66
O2 UTP C . 11.68 -3.91 4.85
N3 UTP C . 11.18 -2.38 6.47
C4 UTP C . 10.34 -1.78 7.43
O4 UTP C . 10.75 -0.79 8.07
C5 UTP C . 9.04 -2.40 7.58
PA UTP D . -8.77 3.61 -9.82
O1A UTP D . -8.19 4.46 -10.87
O2A UTP D . -8.55 2.14 -9.84
O3A UTP D . -10.38 3.86 -9.71
O5' UTP D . -8.38 4.17 -8.39
PB UTP D . -11.64 3.28 -10.49
O1B UTP D . -11.82 3.77 -11.69
O2B UTP D . -12.81 3.84 -9.41
O3B UTP D . -11.68 1.79 -9.90
PG UTP D . -12.68 0.56 -10.20
O1G UTP D . -12.57 -0.51 -9.12
O2G UTP D . -13.92 1.22 -9.69
O3G UTP D . -12.76 -0.06 -11.62
C5' UTP D . -8.83 3.53 -7.20
C4' UTP D . -9.31 4.54 -6.19
O4' UTP D . -8.24 5.45 -5.84
C1' UTP D . -8.65 6.81 -5.92
C2' UTP D . -10.09 6.83 -6.45
O2' UTP D . -10.93 7.54 -5.57
C3' UTP D . -10.50 5.37 -6.63
O3' UTP D . -11.64 5.05 -5.83
N1 UTP D . -7.72 7.58 -6.78
C6 UTP D . -6.96 6.97 -7.79
C2 UTP D . -7.65 8.99 -6.58
O2 UTP D . -8.29 9.58 -5.72
N3 UTP D . -6.78 9.66 -7.43
C4 UTP D . -5.99 9.10 -8.44
O4 UTP D . -5.26 9.84 -9.12
C5 UTP D . -6.11 7.65 -8.60
#